data_8RQP
#
_entry.id   8RQP
#
_cell.length_a   57.358
_cell.length_b   74.546
_cell.length_c   115.913
_cell.angle_alpha   90.000
_cell.angle_beta   102.490
_cell.angle_gamma   90.000
#
_symmetry.space_group_name_H-M   'C 1 2 1'
#
loop_
_entity.id
_entity.type
_entity.pdbx_description
1 polymer 'Alginate production protein AlgE'
2 non-polymer 'CITRIC ACID'
3 non-polymer 'HEXAETHYLENE GLYCOL'
4 non-polymer '7.10 monoacylglycerol (S-form)'
5 non-polymer GLYCEROL
6 non-polymer '7.10 monoacylglycerol (R-form)'
7 non-polymer 'SODIUM ION'
8 non-polymer 'SULFATE ION'
9 non-polymer 'CALCIUM ION'
10 water water
#
_entity_poly.entity_id   1
_entity_poly.type   'polypeptide(L)'
_entity_poly.pdbx_seq_one_letter_code
;MGSSHHHHHHSSGLVPRGSHMANSGEAPKNFGLDVKITGESENDRDLGTAPGGTLNDIGIDLRPWAFGQWGDWSAYFMGQ
AVAATDTIETDTLQSDTDDGNNSRNDGREPDKSYLAAREFWVDYAGLTAYPGEHLRFGRQRLREDSGQWQDTNIEALNWS
FETTLLNAHAGVAQRFSEYRTDLDELAPEDKDRTHVFGDISTQWAPHHRIGVRIHHADDSGHLRRPGEEVDNLDKTYTGQ
LTWLGIEATGDAYNYRSSMPLNYWASATWLTGDRDNLTTTTVDDRRIATGKQSGDVNAFGVDLGLRWNIDEQWKAGVGYA
RGSGGGKDGEEQFQQTGLESNRSNFTGTRSRVHRFGEAFRGELSNLQAATLFGSWQLREDYDASLVYHKFWRVDDDSDIG
TSGINAALQPGEKDIGQELDLVVTKYFKQGLLPASMSQYVDEPSALIRFRGGLFKPGDAYGPGTDSTMHRAFVDFIWRF
;
_entity_poly.pdbx_strand_id   A
#
# COMPACT_ATOMS: atom_id res chain seq x y z
N GLY A 2 -4.39 -0.83 -22.34
CA GLY A 2 -3.05 -0.71 -21.76
C GLY A 2 -3.04 -0.14 -20.36
N SER A 3 -1.99 0.64 -20.06
CA SER A 3 -1.81 1.19 -18.73
C SER A 3 -2.94 2.14 -18.35
N SER A 4 -3.61 2.71 -19.33
CA SER A 4 -4.70 3.60 -18.95
C SER A 4 -5.96 2.84 -18.58
N HIS A 5 -6.03 1.52 -18.81
CA HIS A 5 -7.27 0.81 -18.54
C HIS A 5 -7.68 0.99 -17.08
N HIS A 6 -8.99 1.14 -16.82
CA HIS A 6 -9.44 1.46 -15.44
C HIS A 6 -9.08 0.40 -14.39
N HIS A 7 -8.86 -0.87 -14.76
CA HIS A 7 -8.41 -1.86 -13.81
C HIS A 7 -6.90 -2.18 -13.88
N HIS A 8 -6.12 -1.40 -14.66
CA HIS A 8 -4.73 -1.74 -14.89
C HIS A 8 -3.96 -1.99 -13.60
N HIS A 9 -4.14 -1.13 -12.58
CA HIS A 9 -3.41 -1.22 -11.33
C HIS A 9 -3.96 -2.23 -10.34
N HIS A 10 -5.13 -2.81 -10.58
CA HIS A 10 -5.70 -3.71 -9.57
C HIS A 10 -4.82 -4.97 -9.42
N SER A 11 -4.61 -5.41 -8.18
CA SER A 11 -3.74 -6.56 -7.93
C SER A 11 -4.34 -7.85 -8.52
N SER A 12 -5.67 -7.93 -8.62
CA SER A 12 -6.27 -9.20 -9.04
C SER A 12 -5.81 -9.60 -10.43
N GLY A 13 -5.68 -8.67 -11.35
CA GLY A 13 -5.21 -9.07 -12.68
C GLY A 13 -6.19 -9.96 -13.42
N LEU A 14 -7.48 -9.83 -13.16
CA LEU A 14 -8.49 -10.67 -13.77
C LEU A 14 -9.10 -9.94 -14.95
N VAL A 15 -9.67 -10.72 -15.87
CA VAL A 15 -10.27 -10.18 -17.09
C VAL A 15 -11.66 -10.77 -17.28
N PRO A 16 -12.70 -9.94 -17.31
CA PRO A 16 -14.08 -10.46 -17.43
C PRO A 16 -14.31 -11.11 -18.79
N ARG A 17 -15.14 -12.16 -18.77
CA ARG A 17 -15.52 -12.80 -20.02
C ARG A 17 -16.22 -11.79 -20.92
N GLY A 18 -15.94 -11.86 -22.22
CA GLY A 18 -16.56 -10.94 -23.15
C GLY A 18 -15.97 -9.55 -23.21
N SER A 19 -14.94 -9.25 -22.44
CA SER A 19 -14.34 -7.93 -22.45
C SER A 19 -13.38 -7.77 -23.64
N HIS A 20 -13.06 -6.52 -23.94
CA HIS A 20 -12.06 -6.26 -24.98
C HIS A 20 -10.71 -6.86 -24.59
N MET A 21 -10.40 -6.87 -23.29
CA MET A 21 -9.13 -7.46 -22.88
C MET A 21 -9.12 -8.99 -23.06
N ALA A 22 -10.27 -9.64 -22.88
CA ALA A 22 -10.37 -11.08 -23.11
C ALA A 22 -10.28 -11.41 -24.60
N ASN A 23 -10.91 -10.62 -25.46
CA ASN A 23 -10.91 -10.86 -26.90
C ASN A 23 -10.95 -9.49 -27.57
N SER A 24 -9.89 -9.17 -28.33
CA SER A 24 -9.76 -7.85 -28.93
C SER A 24 -10.84 -7.53 -29.97
N GLY A 25 -11.58 -8.53 -30.47
CA GLY A 25 -12.71 -8.21 -31.35
C GLY A 25 -13.91 -7.61 -30.62
N GLU A 26 -13.97 -7.73 -29.28
CA GLU A 26 -15.09 -7.22 -28.50
C GLU A 26 -14.93 -5.73 -28.22
N ALA A 27 -16.07 -5.05 -28.09
CA ALA A 27 -16.04 -3.63 -27.74
C ALA A 27 -15.66 -3.49 -26.26
N PRO A 28 -15.00 -2.40 -25.89
CA PRO A 28 -14.76 -2.12 -24.46
C PRO A 28 -16.06 -2.14 -23.68
N LYS A 29 -16.04 -2.80 -22.53
CA LYS A 29 -17.26 -2.90 -21.73
C LYS A 29 -17.64 -1.55 -21.13
N ASN A 30 -18.94 -1.25 -21.11
CA ASN A 30 -19.40 -0.03 -20.46
C ASN A 30 -19.69 -0.22 -18.96
N PHE A 31 -19.75 -1.45 -18.49
CA PHE A 31 -20.03 -1.71 -17.08
C PHE A 31 -19.61 -3.12 -16.71
N GLY A 32 -19.49 -3.35 -15.41
CA GLY A 32 -19.07 -4.62 -14.90
C GLY A 32 -19.39 -4.67 -13.42
N LEU A 33 -19.11 -5.82 -12.83
CA LEU A 33 -19.31 -6.04 -11.40
C LEU A 33 -18.14 -6.87 -10.87
N ASP A 34 -17.43 -6.36 -9.85
CA ASP A 34 -16.41 -7.13 -9.14
C ASP A 34 -17.06 -7.62 -7.85
N VAL A 35 -17.06 -8.94 -7.63
CA VAL A 35 -17.65 -9.53 -6.43
C VAL A 35 -16.53 -10.14 -5.63
N LYS A 36 -16.52 -9.90 -4.33
CA LYS A 36 -15.49 -10.45 -3.45
C LYS A 36 -16.14 -11.01 -2.20
N ILE A 37 -15.81 -12.26 -1.85
CA ILE A 37 -16.22 -12.84 -0.58
C ILE A 37 -14.93 -13.12 0.18
N THR A 38 -14.86 -12.67 1.42
CA THR A 38 -13.63 -12.67 2.19
C THR A 38 -13.94 -13.22 3.57
N GLY A 39 -13.11 -14.15 4.02
CA GLY A 39 -13.06 -14.55 5.43
C GLY A 39 -11.76 -14.06 6.02
N GLU A 40 -11.80 -13.64 7.28
CA GLU A 40 -10.60 -13.19 7.94
C GLU A 40 -10.54 -13.79 9.33
N SER A 41 -9.39 -14.36 9.68
CA SER A 41 -9.12 -14.74 11.05
C SER A 41 -7.90 -13.98 11.54
N GLU A 42 -8.04 -13.26 12.65
CA GLU A 42 -6.94 -12.47 13.19
C GLU A 42 -6.91 -12.61 14.70
N ASN A 43 -5.73 -12.93 15.23
CA ASN A 43 -5.57 -13.16 16.66
C ASN A 43 -4.09 -13.20 17.04
N ASP A 44 -3.63 -12.27 17.85
CA ASP A 44 -4.41 -11.21 18.45
C ASP A 44 -3.56 -9.96 18.15
N ARG A 45 -4.19 -8.95 17.56
CA ARG A 45 -3.47 -7.79 17.07
C ARG A 45 -2.79 -6.99 18.18
N ASP A 46 -3.25 -7.10 19.44
CA ASP A 46 -2.60 -6.47 20.58
C ASP A 46 -1.72 -7.44 21.36
N LEU A 47 -1.52 -8.65 20.83
CA LEU A 47 -0.65 -9.65 21.45
C LEU A 47 -1.15 -10.06 22.83
N GLY A 48 -2.47 -9.95 23.03
CA GLY A 48 -3.05 -10.31 24.30
C GLY A 48 -3.02 -9.23 25.36
N THR A 49 -2.55 -8.02 25.02
CA THR A 49 -2.37 -7.00 26.05
C THR A 49 -3.64 -6.20 26.35
N ALA A 50 -4.72 -6.38 25.61
CA ALA A 50 -5.91 -5.56 25.76
C ALA A 50 -7.11 -6.35 25.29
N PRO A 51 -8.30 -6.02 25.78
CA PRO A 51 -9.52 -6.68 25.29
C PRO A 51 -9.70 -6.46 23.80
N GLY A 52 -10.31 -7.44 23.14
CA GLY A 52 -10.56 -7.32 21.73
C GLY A 52 -9.32 -7.64 20.90
N GLY A 53 -9.35 -7.21 19.64
CA GLY A 53 -8.23 -7.45 18.74
C GLY A 53 -8.28 -8.76 18.00
N THR A 54 -9.44 -9.44 18.00
CA THR A 54 -9.56 -10.73 17.34
C THR A 54 -10.75 -10.71 16.40
N LEU A 55 -10.60 -11.43 15.28
CA LEU A 55 -11.59 -11.48 14.23
C LEU A 55 -11.63 -12.94 13.77
N ASN A 56 -12.84 -13.39 13.46
CA ASN A 56 -13.08 -14.71 12.88
C ASN A 56 -14.41 -14.57 12.15
N ASP A 57 -14.35 -13.98 10.95
CA ASP A 57 -15.54 -13.35 10.36
C ASP A 57 -15.48 -13.38 8.85
N ILE A 58 -16.65 -13.12 8.25
CA ILE A 58 -16.85 -13.27 6.81
C ILE A 58 -17.64 -12.08 6.30
N GLY A 59 -17.42 -11.75 5.02
CA GLY A 59 -18.08 -10.62 4.41
C GLY A 59 -18.13 -10.75 2.90
N ILE A 60 -19.04 -9.98 2.32
CA ILE A 60 -19.18 -9.85 0.88
C ILE A 60 -19.02 -8.37 0.54
N ASP A 61 -18.38 -8.11 -0.59
CA ASP A 61 -18.02 -6.77 -1.02
C ASP A 61 -18.33 -6.74 -2.52
N LEU A 62 -19.30 -5.92 -2.90
CA LEU A 62 -19.76 -5.83 -4.28
C LEU A 62 -19.35 -4.48 -4.86
N ARG A 63 -18.73 -4.51 -6.03
CA ARG A 63 -18.16 -3.31 -6.62
C ARG A 63 -18.62 -3.15 -8.05
N PRO A 64 -19.79 -2.55 -8.25
CA PRO A 64 -20.24 -2.23 -9.61
C PRO A 64 -19.43 -1.06 -10.15
N TRP A 65 -19.20 -1.07 -11.46
CA TRP A 65 -18.46 0.02 -12.10
C TRP A 65 -19.11 0.34 -13.44
N ALA A 66 -18.84 1.55 -13.90
CA ALA A 66 -19.31 2.05 -15.17
C ALA A 66 -18.18 2.80 -15.85
N PHE A 67 -18.17 2.77 -17.17
CA PHE A 67 -17.11 3.35 -18.00
C PHE A 67 -17.69 3.87 -19.29
N GLY A 68 -17.36 5.10 -19.66
CA GLY A 68 -17.68 5.60 -20.98
C GLY A 68 -16.45 6.19 -21.64
N GLN A 69 -16.43 6.14 -22.99
CA GLN A 69 -15.29 6.62 -23.76
C GLN A 69 -15.80 7.31 -25.00
N TRP A 70 -15.34 8.54 -25.23
CA TRP A 70 -15.81 9.40 -26.33
C TRP A 70 -14.61 10.18 -26.85
N GLY A 71 -14.04 9.69 -27.93
CA GLY A 71 -12.88 10.34 -28.51
C GLY A 71 -11.75 10.29 -27.51
N ASP A 72 -11.18 11.44 -27.21
CA ASP A 72 -10.11 11.45 -26.23
C ASP A 72 -10.60 11.51 -24.79
N TRP A 73 -11.88 11.62 -24.54
CA TRP A 73 -12.43 11.78 -23.20
C TRP A 73 -12.88 10.42 -22.70
N SER A 74 -12.74 10.18 -21.41
CA SER A 74 -13.39 9.03 -20.82
C SER A 74 -13.77 9.36 -19.37
N ALA A 75 -14.54 8.45 -18.78
CA ALA A 75 -15.04 8.63 -17.42
C ALA A 75 -15.36 7.28 -16.80
N TYR A 76 -15.22 7.22 -15.47
CA TYR A 76 -15.28 5.96 -14.74
C TYR A 76 -15.89 6.18 -13.38
N PHE A 77 -16.71 5.24 -12.94
CA PHE A 77 -17.22 5.23 -11.57
C PHE A 77 -17.19 3.82 -11.02
N MET A 78 -16.74 3.63 -9.79
CA MET A 78 -16.92 2.33 -9.16
C MET A 78 -17.44 2.58 -7.75
N GLY A 79 -18.56 1.94 -7.42
CA GLY A 79 -19.13 1.98 -6.10
C GLY A 79 -18.70 0.75 -5.30
N GLN A 80 -19.16 0.67 -4.05
CA GLN A 80 -18.76 -0.41 -3.18
C GLN A 80 -19.85 -0.59 -2.14
N ALA A 81 -20.29 -1.83 -1.96
CA ALA A 81 -21.22 -2.16 -0.88
C ALA A 81 -20.68 -3.37 -0.14
N VAL A 82 -20.56 -3.25 1.18
CA VAL A 82 -20.02 -4.31 2.01
C VAL A 82 -21.03 -4.73 3.06
N ALA A 83 -21.12 -6.04 3.31
CA ALA A 83 -21.86 -6.57 4.45
C ALA A 83 -21.01 -7.69 5.04
N ALA A 84 -20.70 -7.58 6.33
CA ALA A 84 -19.84 -8.53 7.02
C ALA A 84 -20.31 -8.78 8.44
N THR A 85 -19.86 -9.91 9.01
CA THR A 85 -20.22 -10.31 10.38
C THR A 85 -19.45 -9.54 11.45
N ASP A 86 -18.34 -8.93 11.08
CA ASP A 86 -17.62 -7.97 11.92
C ASP A 86 -16.80 -7.11 10.96
N THR A 87 -16.03 -6.15 11.49
CA THR A 87 -15.40 -5.14 10.62
C THR A 87 -14.07 -5.67 10.08
N ILE A 88 -14.17 -6.56 9.08
CA ILE A 88 -12.99 -7.22 8.54
C ILE A 88 -12.42 -6.39 7.41
N GLU A 89 -11.22 -6.74 6.97
CA GLU A 89 -10.60 -6.01 5.84
C GLU A 89 -11.00 -6.67 4.52
N THR A 90 -11.99 -6.09 3.83
CA THR A 90 -12.28 -6.49 2.46
C THR A 90 -11.47 -5.71 1.41
N ASP A 91 -10.67 -4.72 1.83
CA ASP A 91 -9.97 -3.83 0.89
C ASP A 91 -8.55 -3.64 1.40
N THR A 92 -7.57 -4.23 0.70
CA THR A 92 -6.18 -4.08 1.09
C THR A 92 -5.74 -2.61 1.10
N LEU A 93 -6.47 -1.72 0.42
CA LEU A 93 -6.09 -0.30 0.42
C LEU A 93 -6.94 0.54 1.36
N GLN A 94 -7.58 -0.06 2.35
CA GLN A 94 -8.62 0.63 3.13
C GLN A 94 -7.98 1.63 4.09
N SER A 95 -8.73 2.69 4.39
CA SER A 95 -8.30 3.62 5.42
C SER A 95 -8.03 2.86 6.72
N ASP A 96 -6.89 3.14 7.35
CA ASP A 96 -6.55 2.51 8.61
C ASP A 96 -7.27 3.23 9.75
N THR A 97 -8.14 2.51 10.45
CA THR A 97 -8.97 3.06 11.51
C THR A 97 -8.90 2.21 12.77
N GLY A 107 -16.29 9.35 14.58
CA GLY A 107 -16.40 9.48 13.13
C GLY A 107 -15.39 8.65 12.37
N ARG A 108 -14.66 7.81 13.09
CA ARG A 108 -13.63 6.94 12.51
C ARG A 108 -13.90 5.48 12.83
N GLU A 109 -15.11 5.15 13.28
CA GLU A 109 -15.47 3.78 13.64
C GLU A 109 -16.17 3.14 12.45
N PRO A 110 -15.58 2.14 11.79
CA PRO A 110 -16.29 1.53 10.64
C PRO A 110 -17.47 0.70 11.12
N ASP A 111 -18.46 0.57 10.23
CA ASP A 111 -19.62 -0.28 10.47
C ASP A 111 -19.38 -1.63 9.82
N LYS A 112 -20.06 -2.66 10.35
CA LYS A 112 -20.04 -3.98 9.73
C LYS A 112 -20.46 -3.92 8.28
N SER A 113 -21.40 -3.04 7.95
CA SER A 113 -21.92 -2.88 6.59
C SER A 113 -21.92 -1.41 6.22
N TYR A 114 -21.63 -1.10 4.95
CA TYR A 114 -21.48 0.29 4.50
C TYR A 114 -21.49 0.37 2.99
N LEU A 115 -21.74 1.57 2.46
CA LEU A 115 -21.63 1.88 1.05
C LEU A 115 -20.52 2.90 0.86
N ALA A 116 -19.88 2.88 -0.32
CA ALA A 116 -18.82 3.84 -0.56
C ALA A 116 -18.72 4.13 -2.05
N ALA A 117 -18.22 5.31 -2.38
CA ALA A 117 -17.84 5.64 -3.75
C ALA A 117 -16.32 5.52 -3.83
N ARG A 118 -15.87 4.45 -4.46
CA ARG A 118 -14.45 4.07 -4.50
C ARG A 118 -13.65 4.92 -5.48
N GLU A 119 -14.11 5.02 -6.73
CA GLU A 119 -13.47 5.84 -7.75
C GLU A 119 -14.53 6.59 -8.53
N PHE A 120 -14.13 7.77 -8.99
CA PHE A 120 -14.97 8.59 -9.86
C PHE A 120 -14.05 9.58 -10.53
N TRP A 121 -13.85 9.42 -11.84
CA TRP A 121 -12.90 10.31 -12.51
C TRP A 121 -13.27 10.52 -13.96
N VAL A 122 -12.75 11.62 -14.49
CA VAL A 122 -12.78 11.95 -15.92
CA VAL A 122 -12.77 11.94 -15.91
C VAL A 122 -11.33 12.00 -16.40
N ASP A 123 -11.13 11.67 -17.67
CA ASP A 123 -9.79 11.47 -18.20
C ASP A 123 -9.73 12.02 -19.62
N TYR A 124 -8.63 12.68 -19.94
CA TYR A 124 -8.41 13.30 -21.24
C TYR A 124 -7.08 12.81 -21.77
N ALA A 125 -7.10 12.14 -22.93
CA ALA A 125 -5.90 11.53 -23.51
C ALA A 125 -5.37 12.30 -24.70
N GLY A 126 -5.95 13.48 -25.00
CA GLY A 126 -5.63 14.21 -26.20
C GLY A 126 -4.45 15.17 -26.19
N LEU A 127 -3.75 15.33 -25.06
CA LEU A 127 -2.60 16.25 -25.05
C LEU A 127 -1.53 15.79 -26.03
N THR A 128 -1.33 14.45 -26.17
CA THR A 128 -0.43 13.91 -27.17
C THR A 128 -1.08 12.69 -27.80
N ALA A 129 -0.52 12.29 -28.94
CA ALA A 129 -0.97 11.14 -29.71
C ALA A 129 -0.64 9.80 -29.04
N TYR A 130 0.21 9.76 -28.04
CA TYR A 130 0.53 8.49 -27.38
C TYR A 130 -0.64 8.01 -26.55
N PRO A 131 -1.17 6.81 -26.83
CA PRO A 131 -2.17 6.22 -25.91
C PRO A 131 -1.65 6.01 -24.51
N GLY A 132 -0.33 5.89 -24.31
CA GLY A 132 0.17 5.79 -22.96
C GLY A 132 0.22 7.10 -22.21
N GLU A 133 -0.26 8.19 -22.81
CA GLU A 133 -0.27 9.51 -22.19
C GLU A 133 -1.71 9.96 -21.96
N HIS A 134 -2.00 10.33 -20.71
CA HIS A 134 -3.34 10.78 -20.40
C HIS A 134 -3.32 11.55 -19.10
N LEU A 135 -4.40 12.30 -18.87
CA LEU A 135 -4.56 13.16 -17.71
C LEU A 135 -5.84 12.74 -17.04
N ARG A 136 -5.78 12.42 -15.76
CA ARG A 136 -6.92 11.88 -15.02
C ARG A 136 -7.25 12.75 -13.81
N PHE A 137 -8.53 13.08 -13.66
CA PHE A 137 -9.00 14.03 -12.64
C PHE A 137 -10.15 13.41 -11.87
N GLY A 138 -9.95 13.16 -10.57
CA GLY A 138 -11.01 12.70 -9.70
C GLY A 138 -10.47 11.71 -8.71
N ARG A 139 -11.37 11.01 -8.03
CA ARG A 139 -10.92 9.99 -7.07
C ARG A 139 -10.51 8.77 -7.86
N GLN A 140 -9.23 8.42 -7.78
CA GLN A 140 -8.71 7.43 -8.71
C GLN A 140 -7.62 6.58 -8.05
N ARG A 141 -7.32 5.44 -8.65
CA ARG A 141 -6.23 4.60 -8.19
C ARG A 141 -4.92 5.24 -8.63
N LEU A 142 -4.04 5.55 -7.68
CA LEU A 142 -2.67 5.94 -7.97
C LEU A 142 -1.81 4.78 -7.51
N ARG A 143 -0.88 4.33 -8.37
N ARG A 143 -0.88 4.33 -8.36
CA ARG A 143 0.01 3.26 -7.97
CA ARG A 143 0.01 3.25 -7.95
C ARG A 143 1.32 3.30 -8.75
C ARG A 143 1.32 3.31 -8.74
N GLU A 144 2.43 3.10 -8.04
CA GLU A 144 3.68 2.76 -8.71
C GLU A 144 4.12 1.36 -8.26
N ASP A 145 5.05 0.75 -9.02
CA ASP A 145 5.24 -0.69 -8.93
C ASP A 145 5.69 -1.20 -7.56
N SER A 146 6.45 -0.42 -6.81
CA SER A 146 6.92 -0.89 -5.51
C SER A 146 5.81 -0.85 -4.48
N GLY A 147 4.77 -0.06 -4.73
CA GLY A 147 3.76 0.21 -3.71
C GLY A 147 4.22 0.98 -2.49
N GLN A 148 5.48 1.45 -2.47
CA GLN A 148 6.06 2.10 -1.30
C GLN A 148 5.95 3.62 -1.31
N TRP A 149 5.47 4.21 -2.40
CA TRP A 149 5.21 5.64 -2.54
C TRP A 149 3.71 5.90 -2.68
N GLN A 150 3.04 5.17 -3.58
CA GLN A 150 1.61 5.41 -3.78
C GLN A 150 0.97 4.11 -4.26
N ASP A 151 -0.12 3.73 -3.57
CA ASP A 151 -0.97 2.63 -3.95
C ASP A 151 -2.28 2.79 -3.21
N THR A 152 -3.17 3.63 -3.74
CA THR A 152 -4.32 4.05 -2.97
C THR A 152 -5.35 4.63 -3.92
N ASN A 153 -6.57 4.76 -3.45
CA ASN A 153 -7.58 5.50 -4.18
C ASN A 153 -7.69 6.86 -3.51
N ILE A 154 -7.46 7.93 -4.27
CA ILE A 154 -7.43 9.28 -3.68
C ILE A 154 -7.82 10.30 -4.76
N GLU A 155 -8.44 11.42 -4.29
CA GLU A 155 -8.78 12.55 -5.16
C GLU A 155 -7.50 13.17 -5.69
N ALA A 156 -7.35 13.23 -7.00
CA ALA A 156 -6.08 13.62 -7.60
C ALA A 156 -6.28 14.23 -8.98
N LEU A 157 -5.31 15.03 -9.41
CA LEU A 157 -5.12 15.31 -10.83
C LEU A 157 -3.75 14.72 -11.15
N ASN A 158 -3.73 13.74 -12.05
CA ASN A 158 -2.51 12.98 -12.28
C ASN A 158 -2.31 12.82 -13.77
N TRP A 159 -1.10 13.12 -14.20
CA TRP A 159 -0.68 13.03 -15.59
C TRP A 159 0.29 11.87 -15.75
N SER A 160 0.02 11.02 -16.72
CA SER A 160 0.82 9.83 -16.94
C SER A 160 1.37 9.85 -18.36
N PHE A 161 2.61 9.37 -18.52
CA PHE A 161 3.26 9.31 -19.82
C PHE A 161 4.08 8.00 -19.84
N GLU A 162 3.59 6.98 -20.55
CA GLU A 162 4.23 5.66 -20.52
C GLU A 162 4.44 5.22 -21.97
N THR A 163 5.71 5.15 -22.36
CA THR A 163 6.16 4.75 -23.69
C THR A 163 7.33 3.78 -23.53
N THR A 164 7.89 3.33 -24.66
CA THR A 164 8.92 2.31 -24.60
C THR A 164 10.13 2.79 -23.80
N LEU A 165 10.68 3.94 -24.20
CA LEU A 165 11.95 4.40 -23.67
C LEU A 165 11.79 5.35 -22.51
N LEU A 166 10.62 5.97 -22.33
CA LEU A 166 10.45 6.99 -21.31
C LEU A 166 9.12 6.84 -20.61
N ASN A 167 9.16 6.83 -19.28
CA ASN A 167 7.96 6.94 -18.46
C ASN A 167 8.09 8.19 -17.59
N ALA A 168 6.98 8.90 -17.41
CA ALA A 168 6.97 10.04 -16.52
C ALA A 168 5.55 10.21 -15.96
N HIS A 169 5.46 10.77 -14.78
CA HIS A 169 4.16 11.07 -14.17
C HIS A 169 4.30 12.35 -13.37
N ALA A 170 3.20 13.06 -13.20
CA ALA A 170 3.17 14.20 -12.30
C ALA A 170 1.74 14.40 -11.82
N GLY A 171 1.60 14.70 -10.54
CA GLY A 171 0.26 14.97 -10.07
C GLY A 171 0.19 15.58 -8.70
N VAL A 172 -1.03 15.85 -8.30
N VAL A 172 -1.05 15.77 -8.25
CA VAL A 172 -1.34 16.40 -6.99
CA VAL A 172 -1.36 16.47 -6.99
C VAL A 172 -2.52 15.59 -6.46
C VAL A 172 -2.62 15.84 -6.42
N ALA A 173 -2.57 15.47 -5.14
CA ALA A 173 -3.66 14.72 -4.49
C ALA A 173 -3.92 15.26 -3.09
N GLN A 174 -5.16 15.04 -2.64
CA GLN A 174 -5.60 15.44 -1.28
C GLN A 174 -6.90 14.72 -0.96
N ARG A 175 -7.02 14.21 0.28
CA ARG A 175 -8.27 13.61 0.72
C ARG A 175 -9.17 14.71 1.25
N PHE A 176 -10.42 14.73 0.75
CA PHE A 176 -11.45 15.60 1.29
C PHE A 176 -12.53 14.86 2.08
N SER A 177 -12.72 13.56 1.78
CA SER A 177 -13.68 12.73 2.48
C SER A 177 -13.21 11.28 2.33
N GLU A 178 -13.84 10.40 3.11
CA GLU A 178 -13.74 8.98 2.84
C GLU A 178 -14.80 8.48 1.83
N TYR A 179 -15.84 9.27 1.58
CA TYR A 179 -16.97 8.88 0.72
C TYR A 179 -17.55 7.54 1.14
N ARG A 180 -17.79 7.40 2.46
CA ARG A 180 -18.23 6.15 3.04
C ARG A 180 -19.37 6.47 3.99
N THR A 181 -20.36 5.59 4.06
CA THR A 181 -21.54 5.86 4.88
C THR A 181 -21.24 5.74 6.37
N ASP A 182 -20.12 5.11 6.75
CA ASP A 182 -19.81 4.87 8.16
C ASP A 182 -18.71 5.75 8.74
N LEU A 183 -17.82 6.29 7.92
CA LEU A 183 -16.71 7.13 8.38
C LEU A 183 -17.03 8.58 7.99
N ASP A 184 -17.33 9.42 8.97
CA ASP A 184 -17.74 10.80 8.71
C ASP A 184 -16.58 11.79 8.73
N GLU A 185 -15.39 11.36 9.17
CA GLU A 185 -14.26 12.25 9.35
C GLU A 185 -13.02 11.61 8.74
N LEU A 186 -12.05 12.47 8.40
CA LEU A 186 -10.78 12.00 7.86
C LEU A 186 -9.86 11.66 9.02
N ALA A 187 -8.95 10.72 8.79
CA ALA A 187 -7.87 10.51 9.73
C ALA A 187 -7.09 11.82 9.89
N PRO A 188 -6.63 12.15 11.09
CA PRO A 188 -5.93 13.42 11.27
C PRO A 188 -4.75 13.62 10.35
N GLU A 189 -3.98 12.56 10.04
N GLU A 189 -4.01 12.54 10.04
CA GLU A 189 -2.83 12.77 9.16
CA GLU A 189 -2.85 12.65 9.17
C GLU A 189 -3.24 13.23 7.76
C GLU A 189 -3.22 13.14 7.77
N ASP A 190 -4.43 12.82 7.30
CA ASP A 190 -4.91 13.20 5.96
C ASP A 190 -5.59 14.59 5.90
N LYS A 191 -6.15 15.05 7.01
CA LYS A 191 -6.88 16.31 6.99
C LYS A 191 -5.94 17.45 6.62
N ASP A 192 -6.27 18.20 5.55
CA ASP A 192 -5.51 19.37 5.16
C ASP A 192 -4.10 19.05 4.68
N ARG A 193 -3.81 17.82 4.27
CA ARG A 193 -2.49 17.47 3.75
C ARG A 193 -2.56 17.35 2.22
N THR A 194 -1.71 18.11 1.54
CA THR A 194 -1.66 18.12 0.09
C THR A 194 -0.36 17.44 -0.37
N HIS A 195 -0.47 16.51 -1.31
CA HIS A 195 0.64 15.78 -1.90
C HIS A 195 0.88 16.26 -3.33
N VAL A 196 2.12 16.51 -3.66
CA VAL A 196 2.53 16.74 -5.05
C VAL A 196 3.67 15.78 -5.34
N PHE A 197 3.70 15.21 -6.54
CA PHE A 197 4.62 14.13 -6.81
C PHE A 197 4.93 14.04 -8.31
N GLY A 198 6.01 13.36 -8.61
CA GLY A 198 6.30 13.06 -10.00
C GLY A 198 7.47 12.11 -10.10
N ASP A 199 7.68 11.60 -11.30
CA ASP A 199 8.78 10.67 -11.53
C ASP A 199 9.10 10.68 -13.01
N ILE A 200 10.34 10.29 -13.30
N ILE A 200 10.33 10.26 -13.31
CA ILE A 200 10.81 10.12 -14.68
CA ILE A 200 10.81 10.13 -14.68
C ILE A 200 11.72 8.90 -14.65
C ILE A 200 11.77 8.94 -14.70
N SER A 201 11.56 8.00 -15.62
CA SER A 201 12.44 6.84 -15.73
C SER A 201 12.60 6.43 -17.19
N THR A 202 13.62 5.61 -17.43
CA THR A 202 13.92 5.16 -18.78
C THR A 202 14.37 3.71 -18.74
N GLN A 203 14.01 2.99 -19.79
CA GLN A 203 14.48 1.64 -19.99
C GLN A 203 15.79 1.79 -20.74
N TRP A 204 16.90 1.82 -20.00
CA TRP A 204 18.21 2.06 -20.58
C TRP A 204 18.77 0.82 -21.27
N ALA A 205 18.32 -0.36 -20.88
CA ALA A 205 18.60 -1.60 -21.60
C ALA A 205 17.33 -2.43 -21.56
N PRO A 206 17.19 -3.36 -22.46
CA PRO A 206 15.95 -4.17 -22.45
C PRO A 206 15.70 -4.79 -21.08
N HIS A 207 14.57 -4.47 -20.48
CA HIS A 207 14.17 -4.98 -19.16
C HIS A 207 14.87 -4.34 -17.98
N HIS A 208 15.70 -3.32 -18.17
CA HIS A 208 16.31 -2.62 -17.04
C HIS A 208 15.92 -1.15 -17.05
N ARG A 209 15.36 -0.67 -15.93
CA ARG A 209 14.90 0.72 -15.82
C ARG A 209 15.65 1.44 -14.71
N ILE A 210 15.89 2.73 -14.93
CA ILE A 210 16.49 3.58 -13.92
C ILE A 210 15.67 4.85 -13.88
N GLY A 211 15.40 5.35 -12.67
CA GLY A 211 14.48 6.45 -12.55
C GLY A 211 14.73 7.28 -11.32
N VAL A 212 14.12 8.47 -11.32
CA VAL A 212 14.09 9.34 -10.15
C VAL A 212 12.62 9.56 -9.80
N ARG A 213 12.42 9.87 -8.53
CA ARG A 213 11.06 10.00 -8.03
C ARG A 213 11.08 11.07 -6.96
N ILE A 214 10.02 11.88 -6.95
CA ILE A 214 9.87 12.92 -5.93
C ILE A 214 8.44 12.94 -5.38
N HIS A 215 8.32 13.28 -4.12
CA HIS A 215 7.02 13.40 -3.48
C HIS A 215 7.16 14.47 -2.41
N HIS A 216 6.18 15.37 -2.32
CA HIS A 216 6.16 16.40 -1.28
C HIS A 216 4.79 16.39 -0.59
N ALA A 217 4.79 16.39 0.75
CA ALA A 217 3.56 16.45 1.54
C ALA A 217 3.60 17.73 2.38
N ASP A 218 2.54 18.52 2.32
CA ASP A 218 2.45 19.78 3.04
C ASP A 218 1.14 19.77 3.85
N ASP A 219 1.23 20.03 5.16
CA ASP A 219 0.07 20.15 6.05
C ASP A 219 -0.32 21.62 6.23
N SER A 220 -1.55 21.96 5.87
CA SER A 220 -2.06 23.31 6.09
C SER A 220 -2.83 23.38 7.40
N GLY A 221 -2.99 22.25 8.09
CA GLY A 221 -3.77 22.23 9.32
C GLY A 221 -2.98 22.82 10.46
N HIS A 222 -3.62 22.88 11.63
CA HIS A 222 -2.99 23.44 12.80
C HIS A 222 -3.06 22.44 13.95
N LEU A 223 -2.15 22.62 14.90
CA LEU A 223 -2.11 21.81 16.11
C LEU A 223 -2.97 22.44 17.21
N ARG A 224 -3.50 21.58 18.08
CA ARG A 224 -4.15 22.08 19.28
C ARG A 224 -3.20 23.00 20.05
N ARG A 225 -3.77 24.03 20.64
CA ARG A 225 -3.01 24.99 21.42
C ARG A 225 -2.88 24.54 22.87
N PRO A 226 -1.88 25.04 23.60
CA PRO A 226 -1.68 24.60 24.98
C PRO A 226 -2.94 24.75 25.83
N GLY A 227 -3.20 23.74 26.65
CA GLY A 227 -4.35 23.72 27.51
C GLY A 227 -5.55 23.04 26.89
N GLU A 228 -5.61 22.95 25.57
CA GLU A 228 -6.76 22.35 24.91
C GLU A 228 -6.68 20.84 25.02
N GLU A 229 -7.83 20.20 25.18
CA GLU A 229 -7.84 18.74 25.21
C GLU A 229 -7.51 18.17 23.82
N VAL A 230 -6.85 17.02 23.82
CA VAL A 230 -6.43 16.35 22.59
C VAL A 230 -7.10 14.99 22.54
N ASP A 231 -7.73 14.68 21.42
CA ASP A 231 -8.39 13.41 21.24
C ASP A 231 -7.83 12.71 20.00
N ASN A 232 -8.48 11.62 19.57
CA ASN A 232 -7.92 10.82 18.49
C ASN A 232 -8.09 11.44 17.12
N LEU A 233 -8.91 12.49 16.99
CA LEU A 233 -9.12 13.17 15.72
C LEU A 233 -8.19 14.36 15.51
N ASP A 234 -7.39 14.74 16.51
CA ASP A 234 -6.38 15.78 16.33
C ASP A 234 -5.06 15.25 15.78
N LYS A 235 -4.37 16.13 15.06
CA LYS A 235 -3.04 15.84 14.56
C LYS A 235 -2.01 15.74 15.67
N THR A 236 -1.06 14.83 15.47
CA THR A 236 0.14 14.74 16.30
C THR A 236 1.29 15.59 15.79
N TYR A 237 1.24 16.05 14.54
CA TYR A 237 2.29 16.88 13.95
C TYR A 237 1.76 17.57 12.70
N THR A 238 2.43 18.64 12.29
CA THR A 238 2.28 19.20 10.95
C THR A 238 3.63 19.16 10.27
N GLY A 239 3.64 18.89 8.97
CA GLY A 239 4.91 18.69 8.30
C GLY A 239 4.93 19.38 6.95
N GLN A 240 6.16 19.64 6.50
CA GLN A 240 6.48 19.93 5.10
C GLN A 240 7.63 18.97 4.77
N LEU A 241 7.35 17.91 4.02
CA LEU A 241 8.32 16.86 3.84
C LEU A 241 8.54 16.59 2.37
N THR A 242 9.79 16.36 2.00
CA THR A 242 10.11 16.02 0.62
C THR A 242 10.89 14.71 0.57
N TRP A 243 10.42 13.76 -0.24
CA TRP A 243 11.12 12.52 -0.51
C TRP A 243 11.72 12.61 -1.92
N LEU A 244 13.01 12.36 -2.03
CA LEU A 244 13.74 12.35 -3.30
C LEU A 244 14.40 10.99 -3.41
N GLY A 245 14.04 10.22 -4.43
CA GLY A 245 14.57 8.88 -4.59
C GLY A 245 15.13 8.57 -5.96
N ILE A 246 16.07 7.60 -5.97
N ILE A 246 16.04 7.58 -5.98
CA ILE A 246 16.53 6.94 -7.19
CA ILE A 246 16.54 6.96 -7.20
C ILE A 246 15.99 5.52 -7.12
C ILE A 246 16.14 5.49 -7.14
N GLU A 247 15.72 4.93 -8.28
CA GLU A 247 15.23 3.54 -8.34
C GLU A 247 15.77 2.82 -9.58
N ALA A 248 16.36 1.67 -9.37
CA ALA A 248 16.76 0.82 -10.49
C ALA A 248 16.06 -0.52 -10.39
N THR A 249 15.57 -1.04 -11.51
CA THR A 249 14.87 -2.31 -11.49
C THR A 249 15.20 -3.12 -12.75
N GLY A 250 15.31 -4.42 -12.58
CA GLY A 250 15.43 -5.36 -13.66
C GLY A 250 14.30 -6.36 -13.58
N ASP A 251 13.18 -6.05 -14.25
CA ASP A 251 11.97 -6.88 -14.15
C ASP A 251 11.60 -7.16 -12.67
N ALA A 252 11.77 -6.16 -11.80
CA ALA A 252 11.55 -6.39 -10.36
C ALA A 252 10.18 -7.02 -10.08
N TYR A 253 9.14 -6.54 -10.75
CA TYR A 253 7.78 -6.82 -10.35
C TYR A 253 7.05 -7.50 -11.50
N ASN A 254 7.79 -8.11 -12.42
CA ASN A 254 7.25 -8.71 -13.64
C ASN A 254 7.25 -10.22 -13.47
N TYR A 255 6.09 -10.80 -13.23
CA TYR A 255 5.99 -12.25 -13.04
C TYR A 255 6.27 -13.06 -14.30
N ARG A 256 6.37 -12.40 -15.47
CA ARG A 256 6.60 -13.08 -16.73
C ARG A 256 8.05 -12.99 -17.21
N SER A 257 8.99 -12.62 -16.35
CA SER A 257 10.33 -12.31 -16.83
C SER A 257 11.01 -13.49 -17.53
N SER A 258 11.79 -13.17 -18.57
CA SER A 258 12.66 -14.06 -19.31
C SER A 258 14.08 -14.13 -18.76
N MET A 259 14.50 -13.12 -17.99
CA MET A 259 15.86 -13.09 -17.46
C MET A 259 16.04 -14.09 -16.33
N PRO A 260 17.26 -14.62 -16.17
CA PRO A 260 17.49 -15.57 -15.05
C PRO A 260 17.55 -14.89 -13.69
N LEU A 261 17.82 -13.60 -13.65
CA LEU A 261 17.85 -12.84 -12.41
C LEU A 261 17.06 -11.55 -12.56
N ASN A 262 16.28 -11.21 -11.51
CA ASN A 262 15.54 -9.95 -11.45
C ASN A 262 16.00 -9.22 -10.19
N TYR A 263 15.93 -7.89 -10.21
CA TYR A 263 16.39 -7.14 -9.03
C TYR A 263 15.65 -5.82 -8.86
N TRP A 264 15.72 -5.25 -7.64
CA TRP A 264 15.33 -3.88 -7.38
C TRP A 264 16.35 -3.29 -6.44
N ALA A 265 16.59 -1.97 -6.61
CA ALA A 265 17.39 -1.23 -5.65
C ALA A 265 16.83 0.19 -5.63
N SER A 266 16.55 0.73 -4.44
CA SER A 266 16.09 2.10 -4.36
C SER A 266 16.69 2.73 -3.13
N ALA A 267 16.93 4.02 -3.25
CA ALA A 267 17.46 4.81 -2.13
C ALA A 267 16.67 6.09 -2.12
N THR A 268 16.22 6.50 -0.93
CA THR A 268 15.32 7.65 -0.83
C THR A 268 15.79 8.53 0.32
N TRP A 269 15.91 9.83 0.06
CA TRP A 269 16.27 10.81 1.06
C TRP A 269 15.00 11.60 1.45
N LEU A 270 14.72 11.65 2.74
CA LEU A 270 13.58 12.43 3.24
C LEU A 270 14.11 13.68 3.96
N THR A 271 13.66 14.84 3.50
CA THR A 271 14.08 16.11 4.09
C THR A 271 12.87 17.00 4.32
N GLY A 272 13.06 17.98 5.18
CA GLY A 272 12.01 18.93 5.44
C GLY A 272 11.94 19.23 6.92
N ASP A 273 10.75 19.49 7.42
CA ASP A 273 10.58 19.92 8.80
C ASP A 273 9.24 19.44 9.32
N ARG A 274 9.20 19.18 10.63
CA ARG A 274 7.96 18.80 11.30
C ARG A 274 7.82 19.62 12.57
N ASP A 275 6.57 19.98 12.91
CA ASP A 275 6.21 20.61 14.20
C ASP A 275 5.44 19.54 14.96
N ASN A 276 6.02 19.03 16.05
CA ASN A 276 5.43 17.90 16.77
C ASN A 276 4.69 18.41 17.98
N LEU A 277 3.42 18.05 18.08
CA LEU A 277 2.57 18.40 19.22
C LEU A 277 3.09 17.70 20.49
N THR A 278 3.22 18.44 21.58
CA THR A 278 3.49 17.81 22.86
C THR A 278 2.23 17.80 23.72
N THR A 279 2.13 16.76 24.56
CA THR A 279 0.96 16.58 25.42
C THR A 279 1.41 16.08 26.79
N THR A 280 0.49 16.17 27.73
CA THR A 280 0.62 15.54 29.03
C THR A 280 -0.76 14.98 29.39
N THR A 281 -0.78 14.04 30.32
CA THR A 281 -2.03 13.45 30.80
C THR A 281 -2.43 14.16 32.09
N VAL A 282 -3.70 14.55 32.17
CA VAL A 282 -4.21 15.29 33.32
C VAL A 282 -5.58 14.76 33.74
N ASP A 283 -5.59 13.84 34.71
CA ASP A 283 -6.82 13.25 35.23
C ASP A 283 -7.46 12.30 34.21
N ASP A 284 -6.64 11.48 33.55
CA ASP A 284 -7.06 10.53 32.54
C ASP A 284 -7.34 11.18 31.18
N ARG A 285 -6.97 12.44 30.99
CA ARG A 285 -7.21 13.16 29.75
C ARG A 285 -5.88 13.66 29.20
N ARG A 286 -5.83 13.89 27.90
CA ARG A 286 -4.64 14.36 27.21
C ARG A 286 -4.80 15.84 26.89
N ILE A 287 -3.84 16.66 27.32
CA ILE A 287 -3.84 18.12 27.15
C ILE A 287 -2.60 18.52 26.38
N ALA A 288 -2.76 19.42 25.39
CA ALA A 288 -1.61 19.93 24.65
C ALA A 288 -0.79 20.81 25.58
N THR A 289 0.53 20.65 25.48
CA THR A 289 1.44 21.47 26.27
C THR A 289 2.29 22.40 25.41
N GLY A 290 2.26 22.25 24.10
CA GLY A 290 3.02 23.09 23.18
C GLY A 290 3.36 22.32 21.91
N LYS A 291 4.49 22.68 21.31
CA LYS A 291 4.97 22.01 20.11
C LYS A 291 6.45 22.28 19.96
N GLN A 292 7.12 21.37 19.25
CA GLN A 292 8.55 21.51 18.98
C GLN A 292 8.80 21.23 17.51
N SER A 293 9.53 22.14 16.87
CA SER A 293 9.87 21.98 15.46
C SER A 293 11.24 21.34 15.34
N GLY A 294 11.48 20.68 14.22
CA GLY A 294 12.83 20.23 13.93
C GLY A 294 12.91 19.72 12.52
N ASP A 295 14.14 19.77 12.00
CA ASP A 295 14.38 19.31 10.64
C ASP A 295 14.26 17.78 10.60
N VAL A 296 13.99 17.26 9.41
CA VAL A 296 14.08 15.83 9.17
C VAL A 296 15.15 15.68 8.12
N ASN A 297 16.02 14.69 8.30
CA ASN A 297 17.13 14.38 7.40
C ASN A 297 17.35 12.88 7.56
N ALA A 298 16.57 12.09 6.80
CA ALA A 298 16.44 10.66 7.02
C ALA A 298 16.64 9.91 5.70
N PHE A 299 16.77 8.59 5.76
CA PHE A 299 17.13 7.86 4.56
C PHE A 299 16.54 6.46 4.58
N GLY A 300 16.05 6.02 3.42
CA GLY A 300 15.50 4.68 3.29
C GLY A 300 16.10 3.95 2.10
N VAL A 301 16.25 2.64 2.25
N VAL A 301 16.23 2.64 2.26
CA VAL A 301 16.80 1.83 1.18
CA VAL A 301 16.76 1.79 1.20
C VAL A 301 16.02 0.52 1.12
C VAL A 301 15.88 0.55 1.12
N ASP A 302 15.78 0.01 -0.10
CA ASP A 302 15.17 -1.31 -0.27
C ASP A 302 15.92 -1.97 -1.42
N LEU A 303 16.39 -3.19 -1.19
CA LEU A 303 17.13 -3.95 -2.21
C LEU A 303 16.57 -5.37 -2.28
N GLY A 304 16.55 -5.93 -3.49
CA GLY A 304 16.07 -7.28 -3.66
C GLY A 304 16.72 -7.96 -4.86
N LEU A 305 16.87 -9.27 -4.74
CA LEU A 305 17.40 -10.10 -5.83
C LEU A 305 16.54 -11.35 -5.93
N ARG A 306 16.07 -11.65 -7.13
CA ARG A 306 15.23 -12.81 -7.37
C ARG A 306 15.84 -13.70 -8.42
N TRP A 307 15.92 -15.00 -8.11
CA TRP A 307 16.47 -16.02 -9.02
C TRP A 307 15.26 -16.65 -9.73
N ASN A 308 15.25 -16.57 -11.06
CA ASN A 308 14.24 -17.28 -11.82
C ASN A 308 14.83 -18.63 -12.21
N ILE A 309 14.58 -19.61 -11.33
CA ILE A 309 15.26 -20.91 -11.44
C ILE A 309 14.76 -21.68 -12.65
N ASP A 310 13.45 -21.68 -12.87
CA ASP A 310 12.89 -22.19 -14.13
C ASP A 310 11.59 -21.43 -14.41
N GLU A 311 10.76 -21.91 -15.34
CA GLU A 311 9.54 -21.17 -15.62
C GLU A 311 8.63 -21.11 -14.39
N GLN A 312 8.72 -22.10 -13.52
CA GLN A 312 7.79 -22.21 -12.41
C GLN A 312 8.38 -21.81 -11.06
N TRP A 313 9.65 -22.11 -10.80
CA TRP A 313 10.25 -21.88 -9.49
C TRP A 313 11.07 -20.60 -9.46
N LYS A 314 10.93 -19.86 -8.35
CA LYS A 314 11.73 -18.68 -8.11
C LYS A 314 12.07 -18.56 -6.63
N ALA A 315 13.11 -17.79 -6.33
CA ALA A 315 13.47 -17.57 -4.93
C ALA A 315 14.28 -16.30 -4.85
N GLY A 316 14.31 -15.71 -3.68
CA GLY A 316 15.10 -14.50 -3.58
C GLY A 316 15.29 -14.00 -2.17
N VAL A 317 15.92 -12.84 -2.11
CA VAL A 317 16.33 -12.24 -0.85
C VAL A 317 16.09 -10.75 -0.94
N GLY A 318 15.84 -10.15 0.23
CA GLY A 318 15.58 -8.71 0.31
C GLY A 318 16.18 -8.15 1.57
N TYR A 319 16.50 -6.86 1.51
CA TYR A 319 16.95 -6.10 2.68
C TYR A 319 16.33 -4.71 2.54
N ALA A 320 15.79 -4.16 3.63
CA ALA A 320 15.31 -2.78 3.58
C ALA A 320 15.60 -2.12 4.93
N ARG A 321 15.76 -0.80 4.90
CA ARG A 321 16.08 -0.10 6.15
C ARG A 321 15.50 1.30 6.03
N GLY A 322 14.69 1.66 7.00
CA GLY A 322 14.30 3.06 7.11
C GLY A 322 14.95 3.59 8.38
N SER A 323 15.72 4.67 8.21
CA SER A 323 16.46 5.25 9.34
C SER A 323 15.54 5.58 10.54
N GLY A 324 16.16 5.69 11.72
CA GLY A 324 15.43 6.00 12.94
C GLY A 324 16.24 6.89 13.86
N GLY A 325 15.50 7.57 14.75
CA GLY A 325 16.18 8.27 15.83
C GLY A 325 16.95 9.49 15.35
N GLY A 326 18.19 9.59 15.82
CA GLY A 326 19.05 10.70 15.47
C GLY A 326 18.76 11.93 16.31
N LYS A 327 19.51 13.00 16.00
CA LYS A 327 19.51 14.20 16.82
C LYS A 327 18.16 14.88 16.72
N ASP A 328 17.47 15.00 17.86
CA ASP A 328 16.10 15.50 17.91
C ASP A 328 15.23 14.77 16.88
N GLY A 329 15.46 13.46 16.75
CA GLY A 329 14.61 12.65 15.91
C GLY A 329 14.70 12.94 14.45
N GLU A 330 15.74 13.68 14.01
CA GLU A 330 15.84 14.09 12.60
C GLU A 330 16.00 12.92 11.65
N GLU A 331 16.49 11.78 12.12
CA GLU A 331 16.75 10.66 11.23
C GLU A 331 15.58 9.68 11.19
N GLN A 332 14.43 10.08 11.70
CA GLN A 332 13.29 9.17 11.66
C GLN A 332 12.71 9.20 10.26
N PHE A 333 13.01 8.19 9.46
CA PHE A 333 12.34 8.06 8.17
C PHE A 333 10.85 7.76 8.35
N GLN A 334 10.05 8.13 7.35
CA GLN A 334 8.62 7.75 7.33
C GLN A 334 8.15 7.70 5.89
N GLN A 335 7.05 6.98 5.61
CA GLN A 335 6.61 6.85 4.23
C GLN A 335 5.58 7.93 3.93
N THR A 336 5.21 8.06 2.64
CA THR A 336 4.32 9.16 2.23
C THR A 336 2.96 9.16 2.95
N GLY A 337 2.47 7.99 3.37
CA GLY A 337 1.10 7.85 3.81
C GLY A 337 0.14 7.42 2.71
N LEU A 338 0.60 7.33 1.47
CA LEU A 338 -0.24 6.88 0.36
C LEU A 338 0.10 5.44 -0.05
N GLU A 339 1.12 4.85 0.58
CA GLU A 339 1.68 3.55 0.17
C GLU A 339 0.81 2.41 0.67
N SER A 340 0.93 1.28 -0.01
CA SER A 340 0.40 0.02 0.51
C SER A 340 1.52 -0.92 0.97
N ASN A 341 2.75 -0.73 0.45
CA ASN A 341 3.82 -1.67 0.61
C ASN A 341 3.49 -3.06 0.08
N ARG A 342 2.52 -3.18 -0.85
CA ARG A 342 2.21 -4.46 -1.50
C ARG A 342 2.74 -4.46 -2.93
N SER A 343 3.42 -5.54 -3.33
CA SER A 343 4.06 -5.58 -4.64
C SER A 343 4.22 -7.05 -5.07
N ASN A 344 4.52 -7.25 -6.35
CA ASN A 344 4.75 -8.60 -6.88
C ASN A 344 6.21 -9.01 -6.69
N PHE A 345 6.78 -8.72 -5.52
CA PHE A 345 8.22 -8.91 -5.31
C PHE A 345 8.64 -10.38 -5.29
N THR A 346 7.69 -11.32 -5.06
CA THR A 346 8.03 -12.75 -5.18
C THR A 346 7.98 -13.30 -6.61
N GLY A 347 7.75 -12.45 -7.62
CA GLY A 347 7.70 -12.91 -9.00
C GLY A 347 6.45 -13.64 -9.45
N THR A 348 5.30 -13.45 -8.79
CA THR A 348 4.07 -14.11 -9.21
C THR A 348 2.99 -13.09 -9.51
N ARG A 349 1.90 -13.57 -10.10
CA ARG A 349 0.74 -12.70 -10.34
C ARG A 349 0.13 -12.14 -9.05
N SER A 350 0.34 -12.76 -7.90
CA SER A 350 -0.21 -12.25 -6.65
C SER A 350 0.73 -11.23 -6.02
N ARG A 351 0.16 -10.13 -5.52
CA ARG A 351 0.95 -9.18 -4.74
C ARG A 351 1.00 -9.62 -3.28
N VAL A 352 2.11 -9.28 -2.64
CA VAL A 352 2.37 -9.73 -1.28
C VAL A 352 2.86 -8.52 -0.49
N HIS A 353 2.48 -8.44 0.79
CA HIS A 353 2.96 -7.31 1.58
C HIS A 353 4.49 -7.43 1.78
N ARG A 354 5.21 -6.37 1.40
CA ARG A 354 6.67 -6.40 1.41
C ARG A 354 7.22 -6.57 2.84
N PHE A 355 6.46 -6.16 3.84
CA PHE A 355 6.90 -6.28 5.22
C PHE A 355 5.90 -7.07 6.06
N GLY A 356 5.29 -8.10 5.43
CA GLY A 356 4.52 -9.08 6.17
C GLY A 356 3.01 -8.84 6.18
N GLU A 357 2.24 -9.90 5.85
CA GLU A 357 0.81 -9.80 5.95
C GLU A 357 0.35 -9.57 7.39
N ALA A 358 1.15 -10.03 8.38
CA ALA A 358 0.78 -9.84 9.77
C ALA A 358 1.38 -8.54 10.34
N PHE A 359 2.71 -8.40 10.22
CA PHE A 359 3.36 -7.21 10.78
C PHE A 359 2.95 -5.95 10.00
N ARG A 360 2.90 -6.05 8.68
CA ARG A 360 2.45 -4.90 7.86
C ARG A 360 3.31 -3.68 8.16
N GLY A 361 4.62 -3.90 8.17
CA GLY A 361 5.54 -2.85 8.61
C GLY A 361 5.58 -1.69 7.62
N GLU A 362 5.65 -0.49 8.19
CA GLU A 362 6.05 0.73 7.48
C GLU A 362 7.55 0.87 7.66
N LEU A 363 8.23 1.36 6.61
CA LEU A 363 9.69 1.52 6.61
C LEU A 363 10.03 2.77 7.42
N SER A 364 10.08 2.61 8.74
CA SER A 364 10.31 3.74 9.63
C SER A 364 10.99 3.18 10.87
N ASN A 365 12.23 3.62 11.13
CA ASN A 365 13.04 3.11 12.22
C ASN A 365 13.04 1.58 12.22
N LEU A 366 13.16 0.99 11.05
CA LEU A 366 12.95 -0.44 10.85
C LEU A 366 14.00 -0.96 9.87
N GLN A 367 14.59 -2.13 10.19
CA GLN A 367 15.47 -2.88 9.30
C GLN A 367 14.82 -4.24 9.10
N ALA A 368 14.82 -4.76 7.86
CA ALA A 368 14.15 -6.02 7.57
C ALA A 368 15.01 -6.86 6.66
N ALA A 369 15.21 -8.14 7.02
CA ALA A 369 15.82 -9.13 6.13
C ALA A 369 14.72 -10.07 5.69
N THR A 370 14.69 -10.40 4.40
CA THR A 370 13.61 -11.21 3.84
C THR A 370 14.19 -12.31 2.96
N LEU A 371 13.53 -13.47 3.00
CA LEU A 371 13.80 -14.63 2.15
C LEU A 371 12.47 -15.07 1.56
N PHE A 372 12.46 -15.48 0.30
CA PHE A 372 11.19 -15.96 -0.25
C PHE A 372 11.44 -17.07 -1.28
N GLY A 373 10.41 -17.88 -1.45
CA GLY A 373 10.32 -18.81 -2.57
C GLY A 373 8.93 -18.69 -3.16
N SER A 374 8.83 -18.98 -4.46
CA SER A 374 7.53 -18.95 -5.09
C SER A 374 7.48 -20.02 -6.16
N TRP A 375 6.27 -20.32 -6.57
CA TRP A 375 6.00 -21.29 -7.61
C TRP A 375 4.79 -20.80 -8.37
N GLN A 376 4.76 -21.12 -9.65
CA GLN A 376 3.60 -20.77 -10.44
C GLN A 376 3.49 -21.73 -11.62
N LEU A 377 2.29 -21.80 -12.14
CA LEU A 377 1.99 -22.65 -13.29
C LEU A 377 1.12 -21.80 -14.22
N ARG A 378 1.68 -21.44 -15.39
CA ARG A 378 0.97 -20.72 -16.44
C ARG A 378 0.20 -19.55 -15.79
N GLU A 379 -1.07 -19.34 -16.13
CA GLU A 379 -1.89 -18.35 -15.45
C GLU A 379 -2.85 -18.99 -14.46
N ASP A 380 -2.59 -20.23 -14.05
CA ASP A 380 -3.54 -21.04 -13.31
C ASP A 380 -3.30 -21.07 -11.81
N TYR A 381 -2.06 -20.97 -11.36
CA TYR A 381 -1.74 -21.10 -9.93
C TYR A 381 -0.51 -20.27 -9.61
N ASP A 382 -0.49 -19.80 -8.36
CA ASP A 382 0.76 -19.33 -7.80
C ASP A 382 0.78 -19.56 -6.31
N ALA A 383 2.00 -19.55 -5.76
CA ALA A 383 2.21 -19.74 -4.33
C ALA A 383 3.47 -19.01 -3.93
N SER A 384 3.48 -18.44 -2.75
CA SER A 384 4.69 -17.78 -2.26
C SER A 384 4.83 -18.10 -0.78
N LEU A 385 6.07 -18.27 -0.34
CA LEU A 385 6.44 -18.47 1.06
C LEU A 385 7.49 -17.43 1.36
N VAL A 386 7.27 -16.62 2.38
CA VAL A 386 8.14 -15.48 2.69
C VAL A 386 8.48 -15.51 4.17
N TYR A 387 9.76 -15.37 4.47
CA TYR A 387 10.23 -15.16 5.84
C TYR A 387 10.81 -13.75 5.98
N HIS A 388 10.54 -13.10 7.12
CA HIS A 388 11.11 -11.80 7.44
C HIS A 388 11.66 -11.84 8.85
N LYS A 389 12.75 -11.08 9.07
CA LYS A 389 13.19 -10.74 10.40
C LYS A 389 13.30 -9.22 10.49
N PHE A 390 12.76 -8.68 11.59
CA PHE A 390 12.66 -7.24 11.76
C PHE A 390 13.45 -6.78 12.98
N TRP A 391 14.09 -5.63 12.84
CA TRP A 391 14.77 -4.99 13.96
C TRP A 391 14.51 -3.48 13.90
N ARG A 392 14.50 -2.86 15.08
CA ARG A 392 14.48 -1.42 15.16
C ARG A 392 15.87 -0.89 14.87
N VAL A 393 15.94 0.28 14.23
CA VAL A 393 17.25 0.91 14.00
C VAL A 393 17.74 1.60 15.27
N ASP A 394 16.88 2.40 15.89
CA ASP A 394 17.16 3.12 17.12
C ASP A 394 16.18 2.61 18.18
N ASP A 395 16.73 2.01 19.24
CA ASP A 395 15.90 1.23 20.15
C ASP A 395 15.22 2.07 21.22
N ASP A 396 15.34 3.39 21.14
CA ASP A 396 14.56 4.28 21.98
C ASP A 396 13.56 5.11 21.19
N SER A 397 13.32 4.77 19.93
CA SER A 397 12.34 5.44 19.10
C SER A 397 11.25 4.47 18.68
N ASP A 398 10.06 5.01 18.44
CA ASP A 398 8.99 4.18 17.95
C ASP A 398 9.28 3.71 16.52
N ILE A 399 8.51 2.73 16.07
CA ILE A 399 8.51 2.44 14.66
C ILE A 399 7.31 3.18 14.11
N GLY A 400 6.96 2.96 12.85
CA GLY A 400 5.84 3.66 12.25
C GLY A 400 4.57 2.85 12.41
N THR A 401 3.74 2.89 11.38
CA THR A 401 2.56 2.04 11.44
C THR A 401 2.96 0.56 11.41
N SER A 402 2.08 -0.28 11.94
CA SER A 402 2.21 -1.72 11.75
C SER A 402 0.89 -2.37 12.10
N GLY A 403 0.78 -3.65 11.75
CA GLY A 403 -0.37 -4.44 12.07
C GLY A 403 -0.38 -4.98 13.48
N ILE A 404 0.55 -4.52 14.34
CA ILE A 404 0.63 -4.98 15.73
C ILE A 404 0.37 -3.78 16.64
N ASN A 405 -0.63 -3.88 17.52
CA ASN A 405 -0.94 -2.79 18.47
C ASN A 405 -0.45 -3.17 19.88
N ALA A 406 0.84 -3.01 20.10
CA ALA A 406 1.43 -3.34 21.39
C ALA A 406 2.65 -2.46 21.58
N ALA A 407 2.90 -2.04 22.82
CA ALA A 407 3.98 -1.11 23.08
C ALA A 407 5.34 -1.81 22.97
N LEU A 408 6.33 -1.05 22.53
CA LEU A 408 7.70 -1.55 22.43
C LEU A 408 8.47 -1.12 23.68
N GLN A 409 9.37 -2.01 24.15
CA GLN A 409 10.14 -1.79 25.38
C GLN A 409 11.42 -1.01 25.07
N PRO A 410 11.71 0.09 25.77
CA PRO A 410 12.91 0.88 25.42
C PRO A 410 14.17 0.03 25.48
N GLY A 411 15.08 0.27 24.56
CA GLY A 411 16.34 -0.42 24.56
C GLY A 411 16.35 -1.81 23.94
N GLU A 412 15.24 -2.28 23.36
CA GLU A 412 15.21 -3.61 22.73
C GLU A 412 15.05 -3.41 21.23
N LYS A 413 15.98 -4.00 20.46
CA LYS A 413 15.92 -3.87 19.02
C LYS A 413 15.17 -5.02 18.32
N ASP A 414 14.91 -6.12 19.01
CA ASP A 414 14.39 -7.33 18.36
C ASP A 414 12.88 -7.19 18.20
N ILE A 415 12.45 -6.81 17.03
CA ILE A 415 11.01 -6.65 16.75
C ILE A 415 10.33 -8.01 16.61
N GLY A 416 10.87 -8.91 15.78
CA GLY A 416 10.33 -10.25 15.67
C GLY A 416 10.58 -10.81 14.28
N GLN A 417 9.92 -11.93 14.02
CA GLN A 417 10.03 -12.69 12.76
C GLN A 417 8.63 -13.07 12.28
N GLU A 418 8.54 -13.37 10.99
CA GLU A 418 7.23 -13.61 10.40
C GLU A 418 7.40 -14.63 9.29
N LEU A 419 6.43 -15.52 9.15
CA LEU A 419 6.37 -16.43 8.02
C LEU A 419 5.02 -16.23 7.36
N ASP A 420 5.02 -16.00 6.06
CA ASP A 420 3.80 -15.75 5.29
C ASP A 420 3.68 -16.81 4.20
N LEU A 421 2.43 -17.15 3.89
CA LEU A 421 2.11 -18.04 2.78
C LEU A 421 0.93 -17.42 2.02
N VAL A 422 1.08 -17.37 0.70
CA VAL A 422 0.01 -16.96 -0.21
C VAL A 422 -0.14 -18.08 -1.23
N VAL A 423 -1.37 -18.50 -1.48
CA VAL A 423 -1.61 -19.54 -2.49
C VAL A 423 -2.85 -19.12 -3.27
N THR A 424 -2.78 -19.18 -4.61
CA THR A 424 -3.87 -18.68 -5.45
C THR A 424 -4.19 -19.67 -6.58
N LYS A 425 -5.48 -19.86 -6.79
CA LYS A 425 -5.98 -20.55 -7.98
C LYS A 425 -6.74 -19.53 -8.80
N TYR A 426 -6.37 -19.41 -10.09
CA TYR A 426 -7.11 -18.56 -11.05
C TYR A 426 -8.02 -19.41 -11.92
N PHE A 427 -9.19 -18.89 -12.27
CA PHE A 427 -10.05 -19.71 -13.15
C PHE A 427 -10.98 -18.84 -14.00
N LYS A 428 -11.88 -19.48 -14.73
CA LYS A 428 -12.83 -18.82 -15.64
C LYS A 428 -12.18 -17.72 -16.48
N TYR A 439 -6.60 -25.53 -18.95
CA TYR A 439 -5.96 -24.32 -18.45
C TYR A 439 -6.65 -23.07 -19.02
N VAL A 440 -6.65 -21.98 -18.25
CA VAL A 440 -7.34 -20.76 -18.63
C VAL A 440 -6.32 -19.73 -19.09
N ASP A 441 -6.53 -19.18 -20.29
CA ASP A 441 -5.62 -18.16 -20.81
C ASP A 441 -5.79 -16.83 -20.08
N GLU A 442 -7.03 -16.37 -19.93
CA GLU A 442 -7.32 -15.11 -19.24
C GLU A 442 -8.36 -15.41 -18.15
N PRO A 443 -7.92 -15.59 -16.93
CA PRO A 443 -8.88 -15.92 -15.88
C PRO A 443 -9.72 -14.72 -15.49
N SER A 444 -10.96 -15.01 -15.08
CA SER A 444 -11.94 -14.01 -14.63
C SER A 444 -12.27 -14.13 -13.15
N ALA A 445 -11.70 -15.11 -12.45
CA ALA A 445 -11.97 -15.28 -11.02
C ALA A 445 -10.72 -15.86 -10.34
N LEU A 446 -10.69 -15.75 -9.03
CA LEU A 446 -9.61 -16.40 -8.27
C LEU A 446 -10.09 -16.76 -6.87
N ILE A 447 -9.38 -17.70 -6.27
N ILE A 447 -9.43 -17.74 -6.29
CA ILE A 447 -9.54 -18.05 -4.86
CA ILE A 447 -9.50 -17.99 -4.87
C ILE A 447 -8.14 -18.12 -4.24
C ILE A 447 -8.07 -17.89 -4.35
N ARG A 448 -7.94 -17.37 -3.14
CA ARG A 448 -6.62 -17.11 -2.58
C ARG A 448 -6.65 -17.28 -1.07
N PHE A 449 -5.63 -17.96 -0.56
CA PHE A 449 -5.33 -17.96 0.87
C PHE A 449 -4.14 -17.03 1.05
N ARG A 450 -4.25 -16.09 1.99
CA ARG A 450 -3.15 -15.19 2.34
C ARG A 450 -2.99 -15.22 3.85
N GLY A 451 -1.85 -15.66 4.36
CA GLY A 451 -1.64 -15.77 5.80
C GLY A 451 -0.27 -15.30 6.24
N GLY A 452 -0.25 -14.74 7.43
CA GLY A 452 1.00 -14.40 8.10
C GLY A 452 1.00 -14.84 9.54
N LEU A 453 2.14 -15.39 9.98
CA LEU A 453 2.38 -15.78 11.36
C LEU A 453 3.53 -14.95 11.90
N PHE A 454 3.26 -14.18 12.94
CA PHE A 454 4.22 -13.23 13.48
C PHE A 454 4.63 -13.68 14.86
N LYS A 455 5.94 -13.79 15.06
CA LYS A 455 6.52 -14.19 16.34
C LYS A 455 7.22 -13.00 16.98
N PRO A 456 6.60 -12.34 17.95
CA PRO A 456 7.21 -11.13 18.54
C PRO A 456 8.53 -11.46 19.20
N GLY A 457 9.47 -10.51 19.07
CA GLY A 457 10.75 -10.60 19.73
C GLY A 457 10.80 -9.81 21.03
N ASP A 458 12.03 -9.60 21.51
CA ASP A 458 12.17 -9.04 22.86
C ASP A 458 11.67 -7.61 22.98
N ALA A 459 11.53 -6.88 21.86
CA ALA A 459 11.01 -5.53 21.96
C ALA A 459 9.57 -5.49 22.49
N TYR A 460 8.83 -6.60 22.49
CA TYR A 460 7.44 -6.55 22.93
C TYR A 460 7.25 -6.89 24.42
N GLY A 461 8.23 -7.50 25.05
CA GLY A 461 8.24 -7.56 26.51
C GLY A 461 7.36 -8.66 27.07
N PRO A 462 7.41 -8.80 28.40
CA PRO A 462 6.68 -9.90 29.05
C PRO A 462 5.17 -9.68 29.06
N GLY A 463 4.45 -10.80 29.06
CA GLY A 463 3.00 -10.77 29.08
C GLY A 463 2.36 -10.73 27.71
N THR A 464 3.14 -10.81 26.65
CA THR A 464 2.57 -10.78 25.32
C THR A 464 2.50 -12.19 24.75
N ASP A 465 1.53 -12.40 23.87
CA ASP A 465 1.36 -13.69 23.21
C ASP A 465 2.67 -14.08 22.51
N SER A 466 2.93 -15.40 22.44
CA SER A 466 4.15 -15.88 21.80
C SER A 466 4.09 -15.80 20.29
N THR A 467 2.88 -15.85 19.73
CA THR A 467 2.65 -15.76 18.30
C THR A 467 1.34 -15.02 18.08
N MET A 468 1.24 -14.45 16.90
CA MET A 468 0.02 -13.83 16.40
C MET A 468 -0.13 -14.21 14.94
N HIS A 469 -1.38 -14.25 14.47
CA HIS A 469 -1.63 -14.47 13.05
C HIS A 469 -2.69 -13.54 12.47
N ARG A 470 -2.60 -13.41 11.14
CA ARG A 470 -3.64 -12.77 10.34
C ARG A 470 -3.73 -13.57 9.04
N ALA A 471 -4.92 -14.11 8.75
CA ALA A 471 -5.13 -14.98 7.61
C ALA A 471 -6.44 -14.62 6.92
N PHE A 472 -6.44 -14.71 5.58
CA PHE A 472 -7.62 -14.42 4.78
C PHE A 472 -7.80 -15.54 3.79
N VAL A 473 -9.06 -15.80 3.45
CA VAL A 473 -9.39 -16.44 2.19
C VAL A 473 -10.21 -15.41 1.43
N ASP A 474 -9.85 -15.18 0.17
CA ASP A 474 -10.62 -14.28 -0.70
C ASP A 474 -11.09 -15.07 -1.91
N PHE A 475 -12.36 -14.92 -2.26
CA PHE A 475 -12.88 -15.36 -3.55
C PHE A 475 -13.25 -14.10 -4.31
N ILE A 476 -12.71 -13.93 -5.52
CA ILE A 476 -12.98 -12.74 -6.32
C ILE A 476 -13.48 -13.19 -7.69
N TRP A 477 -14.57 -12.57 -8.17
CA TRP A 477 -15.10 -12.82 -9.51
C TRP A 477 -15.32 -11.48 -10.20
N ARG A 478 -14.86 -11.36 -11.44
CA ARG A 478 -15.12 -10.17 -12.23
C ARG A 478 -16.09 -10.54 -13.34
N PHE A 479 -17.17 -9.75 -13.47
CA PHE A 479 -18.17 -9.92 -14.54
C PHE A 479 -18.22 -8.66 -15.40
#